data_9QF9
#
_entry.id   9QF9
#
_entity_poly.entity_id   1
_entity_poly.type   'polypeptide(L)'
_entity_poly.pdbx_seq_one_letter_code
;MAHHHHHHAESSPTVSANKYKLKDNIQDGVILHCFDWTYNDIKAELPKIAKAGFTSIQTSPAQPNGTGTWYWLYQPISFS
IGTNGVGTKAELQSLCDEADKYGIKIIVDVVANHLRGDHNNIDNDLKPSEYWHTFGGGIDWKNRWQVTHGSIGMPDIATE
NPYVQQKVCNYVQELKSVGVDGLRWDAAKHIGVPSEGDDFWKSVTQYGLYNYGEILGGPDDRSTGNEDIMKEYTDYISVT
DSNYGKELRDSFNSGKAPTSSGNWSEKGISNDKLLYWGESHDTWSNNKDWGFSNEMSQNVIDRAYAVAASRNKVTALYFS
RPSSTNKESIKMGEKGSTHFTSSEVAQINKFHNAMDGKADYYTVSDGCSVITRKDGGAVIVKGSGSGEVSVENGGGYAKP
GTYTDAVSGNTFTITSSTISGTIGSSGIAVVYDAEPEGPSASVTPGSTNYNTDELTLTLNCKYAKNAQYSIDDGAFVNYT
NGQKITIGTNLDYDTVTTVTVKASDGKTTSDPETYTYTKVDPNAVKVVAYDNSSTKWSKVNAYFWSDDNKEMTSWPGKKM
TDKGNNIFDIEVPDGAKYVIFNNGDSQTDDLRIADGNKIYSNGSWQNYSTVKPTQPTTAPSTTVRPTTIATQPTTSQPTT
TQPTTTQPATTQPATTQPSTTQPVTEPSNRILIGDVDLNGTITVCDSTEVQRYIACISTLSDEALIAADVNKDSVISVKD
ATMIQAYIVKLIVEDSYCGTYTENVAPTQPTTNVTEPTTEPTSIQTKNYVYFNNTENWSTVNVYVWSSKDSTYMSWPGMA
MESIGNNTYRFELPNGADYAIFNNGSTQTGDLKIPDVNMIYSNGQWSKYSK
;
_entity_poly.pdbx_strand_id   A
#
# COMPACT_ATOMS: atom_id res chain seq x y z
N ASN A 18 1.06 -16.15 -19.41
CA ASN A 18 0.39 -15.53 -18.27
C ASN A 18 -0.60 -16.50 -17.62
N LYS A 19 -0.05 -17.58 -17.07
CA LYS A 19 -0.81 -18.73 -16.51
C LYS A 19 -1.88 -18.30 -15.50
N TYR A 20 -1.54 -17.36 -14.61
CA TYR A 20 -2.45 -16.88 -13.57
C TYR A 20 -3.15 -15.57 -13.91
N LYS A 21 -3.13 -15.18 -15.20
CA LYS A 21 -3.95 -14.09 -15.75
C LYS A 21 -3.71 -12.73 -15.07
N LEU A 22 -2.44 -12.45 -14.75
CA LEU A 22 -1.98 -11.23 -14.10
C LEU A 22 -2.26 -9.99 -14.98
N LYS A 23 -2.63 -8.88 -14.35
CA LYS A 23 -3.21 -7.72 -15.04
C LYS A 23 -2.15 -6.80 -15.62
N ASP A 24 -2.58 -6.00 -16.57
CA ASP A 24 -1.80 -4.84 -17.00
C ASP A 24 -1.84 -3.74 -15.93
N ASN A 25 -3.00 -3.55 -15.31
CA ASN A 25 -3.25 -2.47 -14.37
C ASN A 25 -2.64 -2.73 -12.98
N ILE A 26 -2.59 -1.68 -12.17
CA ILE A 26 -2.05 -1.65 -10.82
C ILE A 26 -2.98 -0.93 -9.85
N GLN A 27 -3.57 0.23 -10.19
CA GLN A 27 -4.60 0.81 -9.32
C GLN A 27 -5.81 -0.13 -9.25
N ASP A 28 -6.27 -0.60 -10.42
CA ASP A 28 -7.16 -1.74 -10.55
C ASP A 28 -6.37 -3.05 -10.37
N GLY A 29 -5.62 -3.13 -9.28
CA GLY A 29 -4.62 -4.15 -9.04
C GLY A 29 -4.21 -4.26 -7.58
N VAL A 30 -3.43 -5.30 -7.31
CA VAL A 30 -3.02 -5.73 -5.97
C VAL A 30 -1.55 -6.08 -5.91
N ILE A 31 -0.98 -5.91 -4.73
CA ILE A 31 0.45 -5.71 -4.53
C ILE A 31 0.94 -6.57 -3.37
N LEU A 32 2.17 -7.03 -3.42
CA LEU A 32 2.88 -7.53 -2.24
C LEU A 32 4.09 -6.64 -1.95
N HIS A 33 4.43 -6.46 -0.67
CA HIS A 33 5.80 -6.14 -0.31
C HIS A 33 6.38 -7.25 0.55
N CYS A 34 7.29 -8.01 -0.06
CA CYS A 34 8.27 -8.84 0.61
C CYS A 34 9.32 -7.94 1.27
N PHE A 35 8.91 -7.31 2.37
CA PHE A 35 9.57 -6.17 3.00
C PHE A 35 11.05 -6.43 3.31
N ASP A 36 11.92 -5.79 2.52
CA ASP A 36 13.37 -5.98 2.52
C ASP A 36 13.88 -7.42 2.30
N TRP A 37 13.06 -8.29 1.71
CA TRP A 37 13.57 -9.49 1.06
C TRP A 37 14.38 -9.05 -0.16
N THR A 38 15.49 -9.71 -0.45
CA THR A 38 16.31 -9.31 -1.58
C THR A 38 15.55 -9.44 -2.88
N TYR A 39 16.02 -8.67 -3.85
CA TYR A 39 15.72 -8.88 -5.25
C TYR A 39 15.76 -10.36 -5.61
N ASN A 40 16.79 -11.07 -5.16
CA ASN A 40 16.96 -12.47 -5.48
C ASN A 40 15.87 -13.32 -4.85
N ASP A 41 15.52 -13.06 -3.59
CA ASP A 41 14.42 -13.75 -2.93
C ASP A 41 13.15 -13.54 -3.72
N ILE A 42 12.84 -12.28 -4.00
CA ILE A 42 11.63 -11.90 -4.71
C ILE A 42 11.61 -12.63 -6.06
N LYS A 43 12.71 -12.53 -6.81
CA LYS A 43 12.90 -13.12 -8.13
C LYS A 43 12.66 -14.63 -8.10
N ALA A 44 13.26 -15.33 -7.14
CA ALA A 44 13.11 -16.77 -7.05
C ALA A 44 11.66 -17.19 -6.74
N GLU A 45 10.94 -16.41 -5.94
CA GLU A 45 9.60 -16.76 -5.51
C GLU A 45 8.53 -16.33 -6.50
N LEU A 46 8.87 -15.56 -7.52
CA LEU A 46 7.92 -15.15 -8.54
C LEU A 46 7.00 -16.26 -9.06
N PRO A 47 7.45 -17.48 -9.37
CA PRO A 47 6.55 -18.58 -9.72
C PRO A 47 5.45 -18.78 -8.68
N LYS A 48 5.85 -18.74 -7.41
CA LYS A 48 4.94 -18.93 -6.29
C LYS A 48 4.04 -17.72 -6.15
N ILE A 49 4.62 -16.54 -6.25
CA ILE A 49 3.89 -15.29 -6.18
C ILE A 49 2.86 -15.22 -7.31
N ALA A 50 3.21 -15.73 -8.48
CA ALA A 50 2.33 -15.82 -9.63
C ALA A 50 1.18 -16.81 -9.37
N LYS A 51 1.48 -17.99 -8.81
CA LYS A 51 0.44 -18.91 -8.36
C LYS A 51 -0.47 -18.26 -7.31
N ALA A 52 0.13 -17.48 -6.42
CA ALA A 52 -0.56 -16.66 -5.44
C ALA A 52 -1.26 -15.42 -6.03
N GLY A 53 -1.14 -15.17 -7.33
CA GLY A 53 -1.96 -14.23 -8.09
C GLY A 53 -1.63 -12.73 -8.00
N PHE A 54 -0.55 -12.28 -7.33
CA PHE A 54 -0.23 -10.84 -7.29
C PHE A 54 0.27 -10.30 -8.63
N THR A 55 -0.36 -9.25 -9.16
CA THR A 55 0.11 -8.59 -10.40
C THR A 55 1.35 -7.74 -10.16
N SER A 56 1.59 -7.28 -8.93
CA SER A 56 2.56 -6.24 -8.69
C SER A 56 3.25 -6.36 -7.34
N ILE A 57 4.43 -5.75 -7.23
CA ILE A 57 5.27 -5.87 -6.04
C ILE A 57 5.87 -4.52 -5.70
N GLN A 58 5.59 -4.02 -4.50
CA GLN A 58 6.36 -2.93 -3.94
C GLN A 58 7.70 -3.45 -3.45
N THR A 59 8.70 -2.57 -3.58
CA THR A 59 10.07 -2.78 -3.16
C THR A 59 10.60 -1.49 -2.50
N SER A 60 11.61 -1.60 -1.63
CA SER A 60 12.22 -0.46 -0.93
C SER A 60 13.14 0.40 -1.84
N PRO A 61 13.52 1.64 -1.48
CA PRO A 61 14.25 2.55 -2.36
C PRO A 61 15.60 2.02 -2.83
N ALA A 62 15.90 2.21 -4.12
CA ALA A 62 17.05 1.59 -4.80
C ALA A 62 18.39 2.33 -4.64
N GLN A 63 18.41 3.48 -3.98
CA GLN A 63 19.64 4.26 -3.82
C GLN A 63 20.70 3.59 -2.92
N PRO A 64 21.98 4.04 -2.95
CA PRO A 64 22.94 3.70 -1.92
C PRO A 64 22.52 4.28 -0.55
N ASN A 65 22.83 3.53 0.51
CA ASN A 65 22.10 3.54 1.78
C ASN A 65 23.01 3.34 2.98
N GLY A 66 22.47 3.60 4.18
CA GLY A 66 22.97 2.91 5.37
C GLY A 66 22.33 1.51 5.48
N THR A 67 22.99 0.58 6.16
CA THR A 67 22.58 -0.82 6.25
C THR A 67 21.99 -1.20 7.62
N GLY A 68 21.52 -2.45 7.76
CA GLY A 68 21.12 -3.01 9.05
C GLY A 68 19.73 -2.57 9.47
N THR A 69 19.63 -1.66 10.44
CA THR A 69 18.33 -1.14 10.88
C THR A 69 17.55 -0.58 9.69
N TRP A 70 16.34 -1.10 9.48
CA TRP A 70 15.67 -1.01 8.18
C TRP A 70 15.55 0.41 7.64
N TYR A 71 15.31 1.38 8.52
CA TYR A 71 15.14 2.77 8.12
C TYR A 71 16.39 3.39 7.49
N TRP A 72 17.58 2.77 7.60
CA TRP A 72 18.76 3.28 6.91
C TRP A 72 18.73 3.14 5.39
N LEU A 73 17.84 2.31 4.83
CA LEU A 73 17.44 2.41 3.42
C LEU A 73 16.56 3.64 3.16
N TYR A 74 15.63 3.92 4.07
CA TYR A 74 14.77 5.11 4.07
C TYR A 74 15.54 6.41 4.40
N GLN A 75 16.86 6.31 4.59
CA GLN A 75 17.79 7.43 4.74
C GLN A 75 18.97 7.25 3.77
N PRO A 76 18.71 7.29 2.46
CA PRO A 76 19.73 7.13 1.44
C PRO A 76 20.54 8.41 1.28
N ILE A 77 21.74 8.29 0.73
CA ILE A 77 22.61 9.45 0.52
C ILE A 77 22.30 10.23 -0.76
N SER A 78 21.54 9.68 -1.71
CA SER A 78 21.42 10.23 -3.06
C SER A 78 20.03 10.09 -3.66
N PHE A 79 19.79 10.79 -4.77
CA PHE A 79 18.75 10.44 -5.73
C PHE A 79 19.36 9.74 -6.96
N SER A 80 19.96 8.58 -6.75
CA SER A 80 20.47 7.70 -7.80
C SER A 80 20.46 6.26 -7.30
N ILE A 81 20.29 5.26 -8.14
CA ILE A 81 20.39 3.85 -7.72
C ILE A 81 21.81 3.56 -7.23
N GLY A 82 21.94 2.68 -6.24
CA GLY A 82 23.21 2.09 -5.85
C GLY A 82 23.06 0.61 -5.55
N THR A 83 24.15 -0.11 -5.29
CA THR A 83 24.03 -1.42 -4.66
C THR A 83 23.57 -1.22 -3.22
N ASN A 84 22.64 -2.06 -2.79
CA ASN A 84 21.73 -1.72 -1.71
C ASN A 84 21.28 -2.98 -0.95
N GLY A 85 20.61 -2.75 0.19
CA GLY A 85 20.18 -3.78 1.14
C GLY A 85 19.23 -4.87 0.60
N VAL A 86 18.75 -4.77 -0.64
CA VAL A 86 18.04 -5.88 -1.33
C VAL A 86 18.71 -6.31 -2.62
N GLY A 87 19.74 -5.60 -3.07
CA GLY A 87 20.78 -6.15 -3.92
C GLY A 87 21.43 -5.08 -4.77
N THR A 88 22.02 -5.47 -5.87
CA THR A 88 22.57 -4.58 -6.88
C THR A 88 21.48 -4.02 -7.81
N LYS A 89 21.80 -2.95 -8.52
CA LYS A 89 21.05 -2.44 -9.68
C LYS A 89 20.82 -3.53 -10.74
N ALA A 90 21.83 -4.36 -10.99
CA ALA A 90 21.74 -5.47 -11.94
C ALA A 90 20.77 -6.57 -11.47
N GLU A 91 20.79 -6.91 -10.18
CA GLU A 91 19.83 -7.87 -9.63
C GLU A 91 18.41 -7.30 -9.65
N LEU A 92 18.24 -6.02 -9.36
CA LEU A 92 16.96 -5.35 -9.54
C LEU A 92 16.51 -5.49 -10.99
N GLN A 93 17.36 -5.13 -11.95
CA GLN A 93 17.04 -5.29 -13.36
C GLN A 93 16.62 -6.72 -13.66
N SER A 94 17.38 -7.70 -13.17
CA SER A 94 17.05 -9.10 -13.36
C SER A 94 15.70 -9.43 -12.75
N LEU A 95 15.40 -8.90 -11.58
CA LEU A 95 14.07 -9.02 -11.00
C LEU A 95 13.06 -8.40 -11.96
N CYS A 96 13.36 -7.25 -12.54
CA CYS A 96 12.46 -6.62 -13.50
C CYS A 96 12.25 -7.52 -14.71
N ASP A 97 13.32 -8.14 -15.18
CA ASP A 97 13.28 -9.07 -16.30
C ASP A 97 12.39 -10.26 -15.97
N GLU A 98 12.60 -10.90 -14.81
CA GLU A 98 11.90 -12.12 -14.43
C GLU A 98 10.42 -11.82 -14.12
N ALA A 99 10.17 -10.70 -13.48
CA ALA A 99 8.83 -10.19 -13.29
C ALA A 99 8.17 -10.09 -14.65
N ASP A 100 8.78 -9.41 -15.62
CA ASP A 100 8.26 -9.34 -16.98
C ASP A 100 8.10 -10.70 -17.65
N LYS A 101 8.82 -11.75 -17.27
CA LYS A 101 8.53 -13.10 -17.79
C LYS A 101 7.19 -13.58 -17.27
N TYR A 102 6.86 -13.26 -16.04
CA TYR A 102 5.49 -13.38 -15.55
C TYR A 102 4.60 -12.23 -15.97
N GLY A 103 5.15 -11.17 -16.55
CA GLY A 103 4.49 -9.88 -16.70
C GLY A 103 4.27 -9.12 -15.38
N ILE A 104 4.83 -9.56 -14.26
CA ILE A 104 4.68 -8.94 -12.94
C ILE A 104 5.22 -7.49 -12.95
N LYS A 105 4.56 -6.58 -12.21
CA LYS A 105 4.82 -5.13 -12.24
C LYS A 105 5.66 -4.63 -11.06
N ILE A 106 6.75 -3.94 -11.38
CA ILE A 106 7.77 -3.42 -10.47
C ILE A 106 7.34 -2.09 -9.89
N ILE A 107 7.07 -2.08 -8.58
CA ILE A 107 6.80 -0.87 -7.82
C ILE A 107 7.98 -0.55 -6.92
N VAL A 108 8.50 0.67 -7.01
CA VAL A 108 9.58 1.13 -6.13
C VAL A 108 9.09 2.24 -5.20
N ASP A 109 9.28 2.04 -3.92
CA ASP A 109 9.08 3.04 -2.89
C ASP A 109 10.20 4.10 -2.95
N VAL A 110 9.86 5.39 -2.88
CA VAL A 110 10.83 6.48 -2.78
C VAL A 110 10.44 7.49 -1.71
N VAL A 111 11.41 7.84 -0.87
CA VAL A 111 11.33 8.96 0.07
C VAL A 111 11.84 10.22 -0.62
N ALA A 112 10.93 11.10 -1.05
CA ALA A 112 11.33 12.32 -1.77
C ALA A 112 11.73 13.48 -0.85
N ASN A 113 11.01 13.68 0.27
CA ASN A 113 11.08 14.97 0.97
C ASN A 113 12.32 15.15 1.87
N HIS A 114 13.11 14.10 2.13
CA HIS A 114 14.52 14.22 2.54
C HIS A 114 15.36 12.98 2.21
N LEU A 115 16.67 13.18 1.99
CA LEU A 115 17.72 12.15 1.99
C LEU A 115 18.15 11.83 3.44
N ARG A 116 19.31 11.19 3.64
CA ARG A 116 19.84 10.82 4.96
C ARG A 116 19.81 11.99 5.97
N GLY A 117 19.44 11.69 7.21
CA GLY A 117 18.88 12.64 8.18
C GLY A 117 19.81 13.74 8.68
N ASP A 118 21.10 13.65 8.39
CA ASP A 118 22.05 14.77 8.48
C ASP A 118 22.59 15.07 7.07
N HIS A 119 22.37 16.31 6.61
CA HIS A 119 22.74 16.78 5.27
C HIS A 119 24.20 16.52 4.89
N ASN A 120 25.11 16.48 5.87
CA ASN A 120 26.54 16.30 5.62
C ASN A 120 26.87 14.96 4.92
N ASN A 121 25.97 13.98 4.98
CA ASN A 121 26.14 12.67 4.33
C ASN A 121 25.68 12.60 2.86
N ILE A 122 24.83 13.55 2.41
CA ILE A 122 24.03 13.41 1.18
C ILE A 122 24.79 13.83 -0.09
N ASP A 123 24.13 13.76 -1.25
CA ASP A 123 24.59 14.34 -2.51
C ASP A 123 25.04 15.80 -2.38
N ASN A 124 26.28 16.07 -2.80
CA ASN A 124 26.94 17.35 -2.57
C ASN A 124 26.24 18.54 -3.23
N ASP A 125 25.56 18.33 -4.35
CA ASP A 125 24.79 19.38 -5.03
C ASP A 125 23.43 19.67 -4.37
N LEU A 126 22.95 18.83 -3.46
CA LEU A 126 21.77 19.11 -2.63
C LEU A 126 22.10 19.66 -1.24
N LYS A 127 23.36 19.56 -0.79
CA LYS A 127 23.76 20.10 0.53
C LYS A 127 23.43 21.59 0.77
N PRO A 128 23.52 22.51 -0.20
CA PRO A 128 23.17 23.91 0.00
C PRO A 128 21.75 24.15 0.54
N SER A 129 21.62 25.06 1.51
CA SER A 129 20.36 25.32 2.24
C SER A 129 19.19 25.76 1.37
N GLU A 130 19.45 26.36 0.20
CA GLU A 130 18.43 26.75 -0.78
C GLU A 130 17.61 25.55 -1.30
N TYR A 131 18.17 24.34 -1.29
CA TYR A 131 17.45 23.13 -1.67
C TYR A 131 16.57 22.57 -0.55
N TRP A 132 16.32 23.34 0.53
CA TRP A 132 15.56 22.90 1.68
C TRP A 132 14.52 23.94 2.08
N HIS A 133 13.35 23.45 2.50
CA HIS A 133 12.50 24.16 3.43
C HIS A 133 13.20 24.19 4.80
N THR A 134 13.79 25.32 5.15
CA THR A 134 14.63 25.44 6.36
C THR A 134 13.86 25.81 7.63
N PHE A 135 12.54 25.60 7.70
CA PHE A 135 11.74 25.96 8.88
C PHE A 135 12.08 25.15 10.14
N GLY A 136 12.66 23.95 9.99
CA GLY A 136 13.01 23.09 11.12
C GLY A 136 11.81 22.44 11.82
N GLY A 137 12.00 22.01 13.06
CA GLY A 137 10.96 21.41 13.89
C GLY A 137 9.95 22.43 14.43
N GLY A 138 9.09 22.00 15.35
CA GLY A 138 8.06 22.86 15.95
C GLY A 138 6.85 23.10 15.04
N ILE A 139 6.54 22.17 14.15
CA ILE A 139 5.38 22.20 13.27
C ILE A 139 4.07 22.19 14.08
N ASP A 140 3.21 23.18 13.88
CA ASP A 140 1.78 23.04 14.18
C ASP A 140 1.14 22.15 13.11
N TRP A 141 0.61 21.00 13.51
CA TRP A 141 -0.02 20.03 12.60
C TRP A 141 -1.26 20.55 11.86
N LYS A 142 -1.86 21.66 12.29
CA LYS A 142 -2.90 22.39 11.53
C LYS A 142 -2.32 23.44 10.58
N ASN A 143 -1.08 23.87 10.76
CA ASN A 143 -0.42 24.80 9.85
C ASN A 143 0.13 24.05 8.62
N ARG A 144 -0.67 24.07 7.55
CA ARG A 144 -0.38 23.41 6.27
C ARG A 144 1.00 23.76 5.72
N TRP A 145 1.42 25.01 5.83
CA TRP A 145 2.74 25.41 5.36
C TRP A 145 3.84 24.76 6.19
N GLN A 146 3.80 24.88 7.52
CA GLN A 146 4.80 24.24 8.39
C GLN A 146 4.82 22.73 8.18
N VAL A 147 3.66 22.08 8.08
CA VAL A 147 3.57 20.65 7.73
C VAL A 147 4.31 20.35 6.43
N THR A 148 4.27 21.25 5.46
CA THR A 148 4.97 21.07 4.19
C THR A 148 6.38 21.66 4.13
N HIS A 149 6.87 22.26 5.22
CA HIS A 149 8.14 23.01 5.21
C HIS A 149 9.06 22.76 6.42
N GLY A 150 8.61 22.09 7.48
CA GLY A 150 9.43 21.82 8.65
C GLY A 150 10.34 20.58 8.54
N SER A 151 11.65 20.80 8.62
CA SER A 151 12.63 19.72 8.84
C SER A 151 12.41 19.09 10.21
N ILE A 152 11.77 17.91 10.23
CA ILE A 152 11.46 17.11 11.43
C ILE A 152 12.69 16.42 12.03
N GLY A 153 13.73 17.20 12.35
CA GLY A 153 15.06 16.70 12.71
C GLY A 153 15.80 16.19 11.47
N MET A 154 15.21 15.22 10.79
CA MET A 154 15.50 14.95 9.38
C MET A 154 15.13 16.18 8.54
N PRO A 155 15.79 16.41 7.40
CA PRO A 155 15.54 17.59 6.57
C PRO A 155 14.09 17.74 6.05
N ASP A 156 13.82 18.85 5.36
CA ASP A 156 12.61 19.04 4.54
C ASP A 156 13.03 19.76 3.26
N ILE A 157 13.04 19.05 2.13
CA ILE A 157 13.60 19.54 0.88
C ILE A 157 12.74 20.67 0.29
N ALA A 158 13.33 21.60 -0.45
CA ALA A 158 12.60 22.64 -1.17
C ALA A 158 11.85 22.03 -2.36
N THR A 159 10.77 21.29 -2.09
CA THR A 159 10.16 20.39 -3.09
C THR A 159 9.66 21.13 -4.34
N GLU A 160 9.23 22.38 -4.21
CA GLU A 160 8.82 23.23 -5.32
C GLU A 160 10.00 23.68 -6.20
N ASN A 161 11.25 23.52 -5.75
CA ASN A 161 12.43 23.95 -6.50
C ASN A 161 12.62 23.06 -7.75
N PRO A 162 12.72 23.66 -8.95
CA PRO A 162 12.91 22.92 -10.20
C PRO A 162 14.09 21.96 -10.19
N TYR A 163 15.21 22.30 -9.54
CA TYR A 163 16.35 21.39 -9.45
C TYR A 163 16.14 20.28 -8.41
N VAL A 164 15.43 20.54 -7.32
CA VAL A 164 15.00 19.46 -6.41
C VAL A 164 14.13 18.46 -7.18
N GLN A 165 13.20 18.96 -7.97
CA GLN A 165 12.43 18.12 -8.87
C GLN A 165 13.35 17.46 -9.91
N GLN A 166 14.35 18.14 -10.46
CA GLN A 166 15.31 17.58 -11.41
C GLN A 166 16.09 16.40 -10.82
N LYS A 167 16.54 16.49 -9.57
CA LYS A 167 17.23 15.39 -8.88
C LYS A 167 16.32 14.17 -8.83
N VAL A 168 15.08 14.35 -8.38
CA VAL A 168 14.10 13.26 -8.33
C VAL A 168 13.80 12.75 -9.73
N CYS A 169 13.59 13.64 -10.70
CA CYS A 169 13.41 13.28 -12.09
C CYS A 169 14.53 12.39 -12.58
N ASN A 170 15.79 12.76 -12.36
CA ASN A 170 16.92 11.96 -12.79
C ASN A 170 16.87 10.56 -12.15
N TYR A 171 16.47 10.47 -10.88
CA TYR A 171 16.27 9.18 -10.23
C TYR A 171 15.10 8.41 -10.83
N VAL A 172 13.98 9.05 -11.09
CA VAL A 172 12.81 8.41 -11.71
C VAL A 172 13.14 7.94 -13.11
N GLN A 173 13.87 8.74 -13.88
CA GLN A 173 14.41 8.32 -15.17
C GLN A 173 15.30 7.10 -14.99
N GLU A 174 16.21 7.10 -14.02
CA GLU A 174 17.05 5.94 -13.77
C GLU A 174 16.20 4.70 -13.43
N LEU A 175 15.22 4.84 -12.53
CA LEU A 175 14.29 3.78 -12.17
C LEU A 175 13.54 3.24 -13.39
N LYS A 176 12.91 4.09 -14.18
CA LYS A 176 12.21 3.64 -15.39
C LYS A 176 13.19 3.08 -16.43
N SER A 177 14.42 3.60 -16.51
CA SER A 177 15.44 3.06 -17.41
C SER A 177 15.85 1.64 -17.03
N VAL A 178 15.80 1.29 -15.74
CA VAL A 178 15.93 -0.10 -15.28
C VAL A 178 14.59 -0.84 -15.24
N GLY A 179 13.57 -0.35 -15.97
CA GLY A 179 12.29 -1.04 -16.16
C GLY A 179 11.36 -1.01 -14.96
N VAL A 180 11.57 -0.09 -14.01
CA VAL A 180 10.57 0.13 -12.96
C VAL A 180 9.27 0.52 -13.60
N ASP A 181 8.20 -0.13 -13.18
CA ASP A 181 6.89 0.02 -13.77
C ASP A 181 6.01 1.04 -13.05
N GLY A 182 6.30 1.32 -11.77
CA GLY A 182 5.55 2.28 -10.96
C GLY A 182 6.23 2.61 -9.62
N LEU A 183 5.66 3.57 -8.90
CA LEU A 183 6.28 4.13 -7.68
C LEU A 183 5.29 4.35 -6.52
N ARG A 184 5.86 4.39 -5.33
CA ARG A 184 5.23 4.90 -4.12
C ARG A 184 6.06 6.05 -3.57
N TRP A 185 5.39 7.04 -3.00
CA TRP A 185 6.01 8.23 -2.45
C TRP A 185 5.77 8.36 -0.96
N ASP A 186 6.83 8.40 -0.18
CA ASP A 186 6.72 8.79 1.23
C ASP A 186 6.44 10.29 1.39
N ALA A 187 6.02 10.70 2.59
CA ALA A 187 5.88 12.08 3.02
C ALA A 187 5.03 12.99 2.10
N ALA A 188 4.07 12.46 1.34
CA ALA A 188 3.28 13.26 0.42
C ALA A 188 2.54 14.41 1.12
N LYS A 189 2.14 14.21 2.39
CA LYS A 189 1.58 15.26 3.26
C LYS A 189 2.50 16.49 3.39
N HIS A 190 3.80 16.27 3.35
CA HIS A 190 4.83 17.30 3.53
C HIS A 190 5.30 17.88 2.19
N ILE A 191 5.12 17.15 1.10
CA ILE A 191 5.20 17.69 -0.26
C ILE A 191 4.04 18.70 -0.48
N GLY A 192 4.23 19.74 -1.28
CA GLY A 192 3.18 20.72 -1.58
C GLY A 192 2.17 20.25 -2.63
N VAL A 193 1.43 21.20 -3.20
CA VAL A 193 0.63 21.02 -4.43
C VAL A 193 0.80 22.23 -5.37
N PRO A 194 0.46 22.15 -6.66
CA PRO A 194 0.66 23.23 -7.63
C PRO A 194 0.09 24.60 -7.25
N SER A 195 -1.03 24.66 -6.52
CA SER A 195 -1.59 25.91 -5.97
C SER A 195 -0.74 26.48 -4.84
N GLU A 196 0.07 25.66 -4.18
CA GLU A 196 1.14 26.04 -3.26
C GLU A 196 2.48 26.26 -4.00
N GLY A 197 2.43 26.35 -5.34
CA GLY A 197 3.59 26.51 -6.23
C GLY A 197 4.32 25.21 -6.58
N ASP A 198 3.84 24.06 -6.09
CA ASP A 198 4.60 22.81 -6.17
C ASP A 198 4.16 21.88 -7.31
N ASP A 199 4.80 22.06 -8.47
CA ASP A 199 4.67 21.20 -9.64
C ASP A 199 5.43 19.86 -9.53
N PHE A 200 5.96 19.47 -8.37
CA PHE A 200 6.66 18.18 -8.18
C PHE A 200 5.88 17.01 -8.78
N TRP A 201 4.58 17.00 -8.56
CA TRP A 201 3.68 15.97 -9.04
C TRP A 201 3.65 15.88 -10.57
N LYS A 202 3.54 17.02 -11.26
CA LYS A 202 3.72 17.09 -12.71
C LYS A 202 5.08 16.54 -13.10
N SER A 203 6.12 16.99 -12.40
CA SER A 203 7.50 16.60 -12.66
C SER A 203 7.80 15.12 -12.45
N VAL A 204 6.96 14.34 -11.75
CA VAL A 204 7.10 12.87 -11.71
C VAL A 204 6.06 12.16 -12.58
N THR A 205 4.83 12.64 -12.64
CA THR A 205 3.78 12.02 -13.46
C THR A 205 4.09 12.10 -14.96
N GLN A 206 4.94 13.04 -15.39
CA GLN A 206 5.44 13.10 -16.77
C GLN A 206 6.11 11.81 -17.26
N TYR A 207 6.59 10.95 -16.35
CA TYR A 207 7.17 9.67 -16.71
C TYR A 207 6.13 8.58 -17.02
N GLY A 208 4.84 8.89 -16.91
CA GLY A 208 3.75 7.99 -17.29
C GLY A 208 3.67 6.72 -16.45
N LEU A 209 4.36 6.71 -15.32
CA LEU A 209 4.40 5.60 -14.37
C LEU A 209 3.10 5.52 -13.56
N TYR A 210 2.79 4.35 -13.03
CA TYR A 210 1.84 4.23 -11.93
C TYR A 210 2.41 4.87 -10.66
N ASN A 211 1.57 5.47 -9.83
CA ASN A 211 2.00 6.19 -8.65
C ASN A 211 1.00 6.08 -7.49
N TYR A 212 1.49 6.20 -6.26
CA TYR A 212 0.68 6.55 -5.10
C TYR A 212 1.51 7.16 -3.96
N GLY A 213 0.87 7.82 -2.99
CA GLY A 213 1.56 8.61 -1.97
C GLY A 213 1.06 8.49 -0.52
N GLU A 214 1.98 8.77 0.39
CA GLU A 214 1.86 8.71 1.83
C GLU A 214 1.21 9.96 2.45
N ILE A 215 -0.01 9.82 2.97
CA ILE A 215 -0.69 10.84 3.78
C ILE A 215 -1.33 10.19 5.03
N LEU A 216 -1.17 10.82 6.19
CA LEU A 216 -1.85 10.44 7.44
C LEU A 216 -2.47 11.68 8.09
N GLY A 217 -3.66 11.53 8.64
CA GLY A 217 -4.40 12.61 9.29
C GLY A 217 -4.81 13.71 8.32
N GLY A 218 -5.20 13.37 7.09
CA GLY A 218 -5.50 14.35 6.06
C GLY A 218 -4.27 15.18 5.63
N PRO A 219 -4.44 16.23 4.82
CA PRO A 219 -3.33 17.03 4.28
C PRO A 219 -2.66 17.89 5.36
N ASP A 220 -3.40 18.12 6.43
CA ASP A 220 -3.08 18.71 7.71
C ASP A 220 -4.27 18.36 8.62
N ASP A 221 -4.16 18.61 9.93
CA ASP A 221 -5.12 18.08 10.90
C ASP A 221 -6.35 18.99 11.14
N ARG A 222 -6.62 19.98 10.27
CA ARG A 222 -7.87 20.79 10.32
C ARG A 222 -9.10 19.98 9.90
N SER A 223 -10.28 20.50 10.20
CA SER A 223 -11.57 19.84 9.91
C SER A 223 -11.96 19.85 8.43
N THR A 224 -11.79 20.97 7.74
CA THR A 224 -12.56 21.30 6.51
C THR A 224 -11.79 22.19 5.53
N GLY A 225 -12.13 22.10 4.24
CA GLY A 225 -11.36 22.66 3.12
C GLY A 225 -10.22 21.73 2.68
N ASN A 226 -9.72 20.93 3.62
CA ASN A 226 -8.70 19.91 3.42
C ASN A 226 -9.07 18.90 2.34
N GLU A 227 -10.35 18.59 2.18
CA GLU A 227 -10.82 17.73 1.10
C GLU A 227 -10.40 18.25 -0.27
N ASP A 228 -10.37 19.57 -0.46
CA ASP A 228 -9.96 20.16 -1.73
C ASP A 228 -8.45 20.07 -1.94
N ILE A 229 -7.67 20.06 -0.87
CA ILE A 229 -6.23 19.77 -0.97
C ILE A 229 -6.05 18.30 -1.35
N MET A 230 -6.84 17.40 -0.76
CA MET A 230 -6.86 16.00 -1.17
C MET A 230 -7.25 15.85 -2.64
N LYS A 231 -8.22 16.63 -3.14
CA LYS A 231 -8.54 16.64 -4.57
C LYS A 231 -7.33 17.09 -5.39
N GLU A 232 -6.69 18.19 -5.03
CA GLU A 232 -5.55 18.67 -5.80
C GLU A 232 -4.36 17.71 -5.78
N TYR A 233 -4.08 17.03 -4.66
CA TYR A 233 -3.15 15.91 -4.66
C TYR A 233 -3.62 14.83 -5.63
N THR A 234 -4.84 14.37 -5.45
CA THR A 234 -5.30 13.19 -6.17
C THR A 234 -5.56 13.42 -7.64
N ASP A 235 -5.64 14.67 -8.08
CA ASP A 235 -5.52 15.02 -9.50
C ASP A 235 -4.22 14.50 -10.12
N TYR A 236 -3.21 14.20 -9.31
CA TYR A 236 -2.01 13.48 -9.72
C TYR A 236 -1.93 12.05 -9.17
N ILE A 237 -2.42 11.76 -7.95
CA ILE A 237 -2.04 10.51 -7.24
C ILE A 237 -3.19 9.74 -6.58
N SER A 238 -2.94 8.46 -6.32
CA SER A 238 -3.72 7.67 -5.36
C SER A 238 -3.10 7.75 -3.97
N VAL A 239 -3.85 7.53 -2.88
CA VAL A 239 -3.37 7.80 -1.52
C VAL A 239 -3.89 6.83 -0.48
N THR A 240 -3.09 6.69 0.57
CA THR A 240 -3.35 5.97 1.81
C THR A 240 -4.49 6.58 2.63
N ASP A 241 -4.91 5.95 3.75
CA ASP A 241 -5.89 6.52 4.71
C ASP A 241 -5.67 6.09 6.18
N SER A 242 -5.26 7.06 7.02
CA SER A 242 -5.07 6.85 8.45
C SER A 242 -6.35 6.54 9.20
N ASN A 243 -7.48 7.13 8.86
CA ASN A 243 -8.69 7.04 9.66
C ASN A 243 -9.47 5.79 9.30
N TYR A 244 -9.40 5.37 8.03
CA TYR A 244 -9.77 4.00 7.71
C TYR A 244 -8.81 3.05 8.44
N GLY A 245 -7.49 3.27 8.38
CA GLY A 245 -6.54 2.47 9.15
C GLY A 245 -6.87 2.41 10.65
N LYS A 246 -7.32 3.53 11.21
CA LYS A 246 -7.75 3.65 12.59
C LYS A 246 -8.94 2.75 12.84
N GLU A 247 -10.07 3.03 12.21
CA GLU A 247 -11.24 2.22 12.46
C GLU A 247 -10.96 0.76 12.13
N LEU A 248 -10.12 0.46 11.15
CA LEU A 248 -9.71 -0.90 10.86
C LEU A 248 -9.01 -1.48 12.06
N ARG A 249 -7.88 -0.90 12.48
CA ARG A 249 -7.11 -1.46 13.57
C ARG A 249 -7.96 -1.54 14.82
N ASP A 250 -8.74 -0.51 15.07
CA ASP A 250 -9.63 -0.41 16.20
C ASP A 250 -10.66 -1.52 16.15
N SER A 251 -11.41 -1.60 15.06
CA SER A 251 -12.49 -2.55 14.91
C SER A 251 -11.93 -3.94 15.00
N PHE A 252 -11.05 -4.34 14.09
CA PHE A 252 -10.65 -5.74 14.05
C PHE A 252 -9.84 -6.14 15.28
N ASN A 253 -9.06 -5.26 15.92
CA ASN A 253 -8.43 -5.60 17.22
C ASN A 253 -9.45 -5.66 18.37
N SER A 254 -10.50 -4.83 18.34
CA SER A 254 -11.64 -4.98 19.26
C SER A 254 -12.62 -6.09 18.85
N GLY A 255 -12.30 -6.85 17.79
CA GLY A 255 -13.08 -8.00 17.32
C GLY A 255 -14.32 -7.63 16.48
N LYS A 256 -14.31 -6.45 15.87
CA LYS A 256 -15.40 -5.81 15.11
C LYS A 256 -14.97 -5.60 13.65
N ALA A 257 -15.90 -5.66 12.72
CA ALA A 257 -15.62 -5.27 11.34
C ALA A 257 -15.67 -3.74 11.18
N PRO A 258 -14.98 -3.16 10.20
CA PRO A 258 -15.06 -1.74 9.90
C PRO A 258 -16.47 -1.38 9.41
N THR A 259 -17.08 -0.41 10.08
CA THR A 259 -18.42 0.10 9.76
C THR A 259 -18.39 0.94 8.49
N SER A 260 -17.35 1.75 8.29
CA SER A 260 -17.11 2.44 7.03
C SER A 260 -16.73 1.44 5.93
N SER A 261 -17.18 1.72 4.71
CA SER A 261 -16.76 1.06 3.48
C SER A 261 -15.42 1.58 2.96
N GLY A 262 -14.96 2.70 3.52
CA GLY A 262 -13.79 3.45 3.10
C GLY A 262 -13.98 4.92 3.48
N ASN A 263 -13.14 5.47 4.36
CA ASN A 263 -13.36 6.80 4.93
C ASN A 263 -13.27 7.92 3.89
N TRP A 264 -12.14 8.13 3.21
CA TRP A 264 -12.04 9.31 2.32
C TRP A 264 -12.91 9.22 1.06
N SER A 265 -13.29 8.02 0.61
CA SER A 265 -14.29 7.90 -0.45
C SER A 265 -15.69 8.23 0.05
N GLU A 266 -16.01 7.93 1.31
CA GLU A 266 -17.19 8.47 1.95
C GLU A 266 -17.10 10.00 2.17
N LYS A 267 -15.88 10.55 2.29
CA LYS A 267 -15.61 12.00 2.12
C LYS A 267 -15.57 12.46 0.65
N GLY A 268 -16.09 11.65 -0.27
CA GLY A 268 -16.36 12.00 -1.66
C GLY A 268 -15.19 11.81 -2.64
N ILE A 269 -14.04 11.28 -2.19
CA ILE A 269 -12.89 11.03 -3.08
C ILE A 269 -13.12 9.79 -3.95
N SER A 270 -12.65 9.80 -5.20
CA SER A 270 -12.81 8.67 -6.12
C SER A 270 -11.93 7.46 -5.77
N ASN A 271 -12.45 6.25 -5.93
CA ASN A 271 -11.78 5.01 -5.49
C ASN A 271 -10.42 4.77 -6.14
N ASP A 272 -10.29 5.13 -7.42
CA ASP A 272 -9.02 5.04 -8.14
C ASP A 272 -7.95 6.00 -7.58
N LYS A 273 -8.33 6.92 -6.70
CA LYS A 273 -7.41 7.78 -5.97
C LYS A 273 -7.00 7.17 -4.62
N LEU A 274 -7.33 5.92 -4.32
CA LEU A 274 -7.19 5.44 -2.95
C LEU A 274 -6.50 4.08 -2.82
N LEU A 275 -5.90 3.90 -1.64
CA LEU A 275 -5.33 2.68 -1.11
C LEU A 275 -5.64 2.53 0.40
N TYR A 276 -5.87 1.29 0.84
CA TYR A 276 -5.96 0.85 2.24
C TYR A 276 -5.08 -0.38 2.44
N TRP A 277 -4.77 -0.74 3.69
CA TRP A 277 -3.92 -1.89 4.02
C TRP A 277 -4.48 -2.71 5.16
N GLY A 278 -3.91 -3.90 5.36
CA GLY A 278 -4.04 -4.62 6.64
C GLY A 278 -3.30 -3.87 7.74
N GLU A 279 -2.04 -3.52 7.48
CA GLU A 279 -1.23 -2.63 8.28
C GLU A 279 -0.26 -1.93 7.34
N SER A 280 0.20 -0.74 7.69
CA SER A 280 1.38 -0.20 7.01
C SER A 280 2.61 -0.85 7.60
N HIS A 281 3.70 -0.92 6.84
CA HIS A 281 4.98 -1.34 7.39
C HIS A 281 5.32 -0.48 8.60
N ASP A 282 5.04 0.83 8.55
CA ASP A 282 5.30 1.75 9.65
C ASP A 282 4.56 1.33 10.92
N THR A 283 3.28 0.95 10.81
CA THR A 283 2.48 0.51 11.97
C THR A 283 2.92 -0.82 12.58
N TRP A 284 3.90 -1.49 11.96
CA TRP A 284 4.70 -2.57 12.56
C TRP A 284 6.16 -2.14 12.89
N SER A 285 6.82 -1.27 12.11
CA SER A 285 8.30 -1.23 12.01
C SER A 285 9.04 -0.18 12.83
N ASN A 286 8.39 0.87 13.32
CA ASN A 286 8.97 1.75 14.34
C ASN A 286 8.61 1.26 15.75
N ASN A 287 8.03 2.09 16.63
CA ASN A 287 7.73 1.75 18.05
C ASN A 287 6.23 1.88 18.41
N LYS A 288 5.76 1.03 19.35
CA LYS A 288 4.38 0.51 19.47
C LYS A 288 3.25 1.52 19.62
N ASP A 289 3.54 2.75 20.01
CA ASP A 289 2.50 3.79 20.12
C ASP A 289 1.81 4.05 18.78
N TRP A 290 2.55 3.85 17.69
CA TRP A 290 1.98 3.74 16.35
C TRP A 290 2.40 2.44 15.65
N GLY A 291 3.47 1.82 16.12
CA GLY A 291 3.94 0.50 15.71
C GLY A 291 3.15 -0.66 16.30
N PHE A 292 1.98 -0.38 16.83
CA PHE A 292 1.20 -1.28 17.65
C PHE A 292 0.96 -2.66 17.03
N SER A 293 0.93 -2.77 15.68
CA SER A 293 0.55 -4.04 15.04
C SER A 293 1.60 -5.12 15.22
N ASN A 294 2.84 -4.74 15.55
CA ASN A 294 3.87 -5.68 15.91
C ASN A 294 3.62 -6.46 17.21
N GLU A 295 2.56 -6.13 17.94
CA GLU A 295 2.02 -6.98 19.00
C GLU A 295 0.51 -7.27 18.80
N MET A 296 0.01 -7.27 17.56
CA MET A 296 -1.39 -7.59 17.25
C MET A 296 -1.51 -8.59 16.11
N SER A 297 -2.37 -9.59 16.32
CA SER A 297 -2.28 -10.90 15.67
C SER A 297 -2.35 -10.85 14.16
N GLN A 298 -1.65 -11.80 13.54
CA GLN A 298 -1.74 -12.18 12.14
C GLN A 298 -3.21 -12.18 11.69
N ASN A 299 -3.96 -13.21 12.09
CA ASN A 299 -5.40 -13.32 11.88
C ASN A 299 -6.24 -12.42 12.83
N VAL A 300 -5.71 -11.31 13.32
CA VAL A 300 -6.51 -10.12 13.67
C VAL A 300 -6.39 -9.08 12.57
N ILE A 301 -5.18 -8.88 12.08
CA ILE A 301 -4.83 -7.82 11.16
C ILE A 301 -5.12 -8.21 9.70
N ASP A 302 -5.03 -9.50 9.35
CA ASP A 302 -5.48 -9.99 8.04
C ASP A 302 -6.95 -9.64 7.76
N ARG A 303 -7.76 -9.44 8.81
CA ARG A 303 -9.16 -9.01 8.69
C ARG A 303 -9.25 -7.69 7.94
N ALA A 304 -8.37 -6.75 8.30
CA ALA A 304 -8.28 -5.50 7.60
C ALA A 304 -7.79 -5.68 6.15
N TYR A 305 -6.83 -6.57 5.91
CA TYR A 305 -6.35 -6.79 4.54
C TYR A 305 -7.49 -7.26 3.63
N ALA A 306 -8.29 -8.20 4.13
CA ALA A 306 -9.42 -8.72 3.37
C ALA A 306 -10.39 -7.59 2.99
N VAL A 307 -10.79 -6.73 3.95
CA VAL A 307 -11.68 -5.62 3.65
C VAL A 307 -11.07 -4.71 2.59
N ALA A 308 -9.80 -4.33 2.75
CA ALA A 308 -9.14 -3.42 1.83
C ALA A 308 -9.15 -3.94 0.39
N ALA A 309 -8.61 -5.13 0.19
CA ALA A 309 -8.51 -5.68 -1.15
C ALA A 309 -9.88 -5.93 -1.78
N SER A 310 -10.92 -6.10 -0.96
CA SER A 310 -12.27 -6.28 -1.48
C SER A 310 -12.77 -5.09 -2.30
N ARG A 311 -12.32 -3.86 -2.00
CA ARG A 311 -12.93 -2.69 -2.63
C ARG A 311 -12.57 -2.54 -4.09
N ASN A 312 -13.59 -2.30 -4.92
CA ASN A 312 -13.42 -2.05 -6.34
C ASN A 312 -12.68 -0.73 -6.59
N LYS A 313 -11.78 -0.73 -7.59
CA LYS A 313 -10.90 0.37 -8.01
C LYS A 313 -9.97 0.97 -6.93
N VAL A 314 -10.15 0.63 -5.66
CA VAL A 314 -9.15 0.89 -4.60
C VAL A 314 -8.01 -0.10 -4.80
N THR A 315 -6.78 0.38 -4.86
CA THR A 315 -5.61 -0.48 -4.96
C THR A 315 -5.16 -0.99 -3.59
N ALA A 316 -4.54 -2.17 -3.49
CA ALA A 316 -4.26 -2.80 -2.19
C ALA A 316 -2.95 -3.62 -2.14
N LEU A 317 -2.36 -3.73 -0.95
CA LEU A 317 -1.04 -4.32 -0.71
C LEU A 317 -1.02 -5.29 0.48
N TYR A 318 -0.41 -6.47 0.34
CA TYR A 318 -0.08 -7.32 1.48
C TYR A 318 1.36 -7.11 1.95
N PHE A 319 1.61 -7.37 3.23
CA PHE A 319 2.87 -7.04 3.90
C PHE A 319 3.51 -8.23 4.61
N SER A 320 4.80 -8.49 4.39
CA SER A 320 5.56 -9.56 5.07
C SER A 320 6.06 -9.08 6.44
N ARG A 321 5.48 -9.58 7.54
CA ARG A 321 5.86 -9.18 8.90
C ARG A 321 7.31 -9.56 9.23
N PRO A 322 8.19 -8.63 9.60
CA PRO A 322 9.56 -8.92 10.04
C PRO A 322 9.69 -9.99 11.12
N SER A 323 10.93 -10.46 11.23
CA SER A 323 11.43 -11.31 12.31
C SER A 323 11.44 -10.65 13.69
N SER A 324 11.01 -9.39 13.82
CA SER A 324 11.17 -8.59 15.03
C SER A 324 10.02 -7.59 15.24
N THR A 325 9.83 -7.10 16.47
CA THR A 325 8.70 -6.25 16.90
C THR A 325 9.11 -4.95 17.62
N ASN A 326 10.24 -4.35 17.23
CA ASN A 326 10.64 -3.03 17.71
C ASN A 326 11.52 -2.28 16.69
N LYS A 327 11.46 -0.95 16.66
CA LYS A 327 12.18 -0.11 15.70
C LYS A 327 13.65 -0.44 15.67
N GLU A 328 14.24 -0.52 16.85
CA GLU A 328 15.68 -0.74 17.02
C GLU A 328 16.04 -2.19 16.64
N SER A 329 15.08 -3.11 16.76
CA SER A 329 15.25 -4.55 16.66
C SER A 329 14.98 -5.10 15.25
N ILE A 330 14.15 -4.43 14.46
CA ILE A 330 13.81 -4.82 13.08
C ILE A 330 14.91 -4.36 12.10
N LYS A 331 15.23 -5.18 11.08
CA LYS A 331 16.34 -4.94 10.15
C LYS A 331 15.93 -5.15 8.69
N MET A 332 16.69 -4.57 7.76
CA MET A 332 16.62 -4.88 6.32
C MET A 332 17.31 -6.21 5.97
N GLY A 333 17.10 -6.70 4.74
CA GLY A 333 17.85 -7.82 4.16
C GLY A 333 17.43 -9.20 4.65
N GLU A 334 16.18 -9.37 5.11
CA GLU A 334 15.66 -10.65 5.62
C GLU A 334 14.34 -11.05 4.96
N LYS A 335 14.15 -12.35 4.76
CA LYS A 335 12.87 -12.95 4.38
C LYS A 335 11.91 -12.94 5.58
N GLY A 336 11.04 -11.94 5.67
CA GLY A 336 9.99 -11.85 6.68
C GLY A 336 8.92 -12.95 6.55
N SER A 337 7.87 -12.86 7.37
CA SER A 337 6.76 -13.82 7.44
C SER A 337 6.16 -14.10 6.06
N THR A 338 5.82 -15.37 5.84
CA THR A 338 5.29 -15.88 4.57
C THR A 338 3.80 -16.19 4.62
N HIS A 339 3.03 -15.54 5.49
CA HIS A 339 1.58 -15.77 5.59
C HIS A 339 0.82 -15.47 4.31
N PHE A 340 1.41 -14.79 3.32
CA PHE A 340 0.81 -14.68 1.99
C PHE A 340 0.59 -16.05 1.32
N THR A 341 1.35 -17.06 1.70
CA THR A 341 1.13 -18.43 1.24
C THR A 341 -0.19 -19.01 1.78
N SER A 342 -0.83 -18.34 2.75
CA SER A 342 -2.13 -18.74 3.28
C SER A 342 -3.22 -18.75 2.23
N SER A 343 -4.25 -19.55 2.50
CA SER A 343 -5.47 -19.58 1.70
C SER A 343 -6.01 -18.18 1.51
N GLU A 344 -6.30 -17.45 2.60
CA GLU A 344 -7.01 -16.19 2.51
C GLU A 344 -6.29 -15.19 1.60
N VAL A 345 -5.00 -14.98 1.81
CA VAL A 345 -4.26 -14.02 1.00
C VAL A 345 -4.24 -14.48 -0.45
N ALA A 346 -4.04 -15.77 -0.69
CA ALA A 346 -4.08 -16.33 -2.03
C ALA A 346 -5.43 -16.08 -2.71
N GLN A 347 -6.54 -16.37 -2.02
CA GLN A 347 -7.86 -16.23 -2.60
C GLN A 347 -8.13 -14.79 -3.02
N ILE A 348 -7.75 -13.84 -2.17
CA ILE A 348 -8.01 -12.41 -2.38
C ILE A 348 -7.49 -11.93 -3.74
N ASN A 349 -6.35 -12.45 -4.18
CA ASN A 349 -5.74 -11.95 -5.40
C ASN A 349 -6.47 -12.43 -6.65
N LYS A 350 -6.65 -13.73 -6.83
CA LYS A 350 -7.39 -14.23 -8.00
C LYS A 350 -8.82 -13.71 -8.01
N PHE A 351 -9.42 -13.51 -6.83
CA PHE A 351 -10.69 -12.81 -6.70
C PHE A 351 -10.60 -11.41 -7.30
N HIS A 352 -9.60 -10.60 -6.93
CA HIS A 352 -9.40 -9.32 -7.61
C HIS A 352 -9.27 -9.49 -9.12
N ASN A 353 -8.46 -10.44 -9.54
CA ASN A 353 -8.14 -10.64 -10.95
C ASN A 353 -9.40 -10.94 -11.78
N ALA A 354 -10.31 -11.73 -11.25
CA ALA A 354 -11.60 -11.99 -11.88
C ALA A 354 -12.59 -10.82 -11.73
N MET A 355 -12.65 -10.18 -10.55
CA MET A 355 -13.72 -9.23 -10.20
C MET A 355 -13.42 -7.77 -10.53
N ASP A 356 -12.20 -7.46 -10.96
CA ASP A 356 -11.91 -6.26 -11.73
C ASP A 356 -13.03 -5.98 -12.76
N GLY A 357 -13.63 -4.80 -12.73
CA GLY A 357 -14.72 -4.39 -13.62
C GLY A 357 -16.11 -4.90 -13.22
N LYS A 358 -16.22 -6.06 -12.55
CA LYS A 358 -17.44 -6.48 -11.85
C LYS A 358 -17.54 -5.69 -10.55
N ALA A 359 -18.03 -4.46 -10.68
CA ALA A 359 -18.06 -3.44 -9.63
C ALA A 359 -18.66 -3.94 -8.33
N ASP A 360 -18.36 -3.30 -7.20
CA ASP A 360 -18.81 -3.80 -5.90
C ASP A 360 -19.99 -3.04 -5.28
N TYR A 361 -20.65 -3.71 -4.35
CA TYR A 361 -21.43 -3.10 -3.30
C TYR A 361 -20.78 -3.44 -1.96
N TYR A 362 -20.54 -2.45 -1.09
CA TYR A 362 -20.07 -2.69 0.28
C TYR A 362 -21.21 -2.63 1.27
N THR A 363 -21.25 -3.58 2.19
CA THR A 363 -22.12 -3.55 3.36
C THR A 363 -21.36 -4.02 4.59
N VAL A 364 -21.95 -3.81 5.75
CA VAL A 364 -21.68 -4.66 6.91
C VAL A 364 -22.94 -5.47 7.20
N SER A 365 -22.78 -6.77 7.33
CA SER A 365 -23.86 -7.70 7.61
C SER A 365 -23.32 -8.86 8.46
N ASP A 366 -24.14 -9.43 9.34
CA ASP A 366 -23.79 -10.58 10.19
C ASP A 366 -22.52 -10.34 11.08
N GLY A 367 -22.30 -9.11 11.54
CA GLY A 367 -21.08 -8.74 12.27
C GLY A 367 -19.81 -8.74 11.42
N CYS A 368 -19.98 -8.68 10.09
CA CYS A 368 -18.93 -8.75 9.11
C CYS A 368 -18.99 -7.57 8.16
N SER A 369 -17.85 -7.10 7.68
CA SER A 369 -17.86 -6.45 6.37
C SER A 369 -18.31 -7.50 5.37
N VAL A 370 -19.17 -7.12 4.43
CA VAL A 370 -19.62 -8.01 3.37
C VAL A 370 -19.61 -7.23 2.08
N ILE A 371 -19.00 -7.82 1.04
CA ILE A 371 -18.75 -7.11 -0.21
C ILE A 371 -19.11 -8.01 -1.38
N THR A 372 -19.84 -7.50 -2.35
CA THR A 372 -20.45 -8.29 -3.43
C THR A 372 -20.16 -7.65 -4.77
N ARG A 373 -19.80 -8.47 -5.75
CA ARG A 373 -19.26 -8.05 -7.03
C ARG A 373 -20.30 -8.31 -8.09
N LYS A 374 -20.62 -7.32 -8.90
CA LYS A 374 -21.80 -7.33 -9.77
C LYS A 374 -21.67 -8.40 -10.84
N ASP A 375 -22.66 -9.27 -10.95
CA ASP A 375 -22.64 -10.48 -11.79
C ASP A 375 -21.48 -11.43 -11.45
N GLY A 376 -20.94 -11.32 -10.23
CA GLY A 376 -19.67 -11.90 -9.83
C GLY A 376 -19.67 -12.45 -8.41
N GLY A 377 -18.50 -12.55 -7.81
CA GLY A 377 -18.30 -13.14 -6.49
C GLY A 377 -18.64 -12.23 -5.31
N ALA A 378 -18.23 -12.67 -4.13
CA ALA A 378 -18.42 -11.96 -2.88
C ALA A 378 -17.31 -12.28 -1.87
N VAL A 379 -17.21 -11.43 -0.83
CA VAL A 379 -16.36 -11.60 0.34
C VAL A 379 -17.17 -11.37 1.61
N ILE A 380 -16.86 -12.11 2.67
CA ILE A 380 -17.35 -11.88 4.02
C ILE A 380 -16.15 -11.77 4.94
N VAL A 381 -16.16 -10.84 5.89
CA VAL A 381 -15.10 -10.63 6.89
C VAL A 381 -15.67 -10.26 8.26
N LYS A 382 -15.83 -11.25 9.14
CA LYS A 382 -16.32 -11.00 10.51
C LYS A 382 -15.31 -10.21 11.32
N GLY A 383 -15.80 -9.38 12.23
CA GLY A 383 -14.93 -8.62 13.12
C GLY A 383 -13.91 -9.49 13.87
N SER A 384 -14.33 -10.70 14.19
CA SER A 384 -13.56 -11.75 14.84
C SER A 384 -14.26 -13.10 14.67
N GLY A 385 -13.53 -14.19 14.86
CA GLY A 385 -14.06 -15.56 14.77
C GLY A 385 -14.48 -15.98 13.35
N SER A 386 -15.08 -17.16 13.25
CA SER A 386 -15.62 -17.71 12.00
C SER A 386 -16.68 -18.77 12.28
N GLY A 387 -17.50 -19.12 11.30
CA GLY A 387 -18.63 -20.05 11.46
C GLY A 387 -19.62 -19.92 10.31
N GLU A 388 -20.81 -20.51 10.44
CA GLU A 388 -21.90 -20.26 9.49
C GLU A 388 -22.26 -18.77 9.39
N VAL A 389 -22.68 -18.35 8.20
CA VAL A 389 -23.19 -17.00 7.94
C VAL A 389 -24.46 -17.02 7.08
N SER A 390 -25.24 -15.94 7.11
CA SER A 390 -26.41 -15.72 6.25
C SER A 390 -26.52 -14.26 5.80
N VAL A 391 -25.40 -13.69 5.36
CA VAL A 391 -25.20 -12.26 5.06
C VAL A 391 -26.05 -11.74 3.90
N GLU A 392 -26.32 -10.45 3.91
CA GLU A 392 -26.90 -9.69 2.78
C GLU A 392 -26.08 -9.82 1.50
N ASN A 393 -26.72 -10.12 0.35
CA ASN A 393 -26.10 -9.88 -0.95
C ASN A 393 -26.16 -8.38 -1.25
N GLY A 394 -25.04 -7.67 -1.07
CA GLY A 394 -24.95 -6.22 -1.22
C GLY A 394 -25.42 -5.78 -2.61
N GLY A 395 -26.46 -4.94 -2.66
CA GLY A 395 -27.10 -4.52 -3.91
C GLY A 395 -27.67 -5.67 -4.77
N GLY A 396 -27.72 -6.89 -4.25
CA GLY A 396 -27.95 -8.12 -5.01
C GLY A 396 -26.82 -8.45 -6.01
N TYR A 397 -25.64 -7.85 -5.87
CA TYR A 397 -24.58 -7.86 -6.89
C TYR A 397 -24.07 -9.26 -7.21
N ALA A 398 -23.80 -10.07 -6.19
CA ALA A 398 -23.13 -11.35 -6.39
C ALA A 398 -24.04 -12.37 -7.07
N LYS A 399 -23.47 -13.15 -8.00
CA LYS A 399 -24.11 -14.15 -8.88
C LYS A 399 -24.69 -15.34 -8.10
N PRO A 400 -26.03 -15.51 -8.05
CA PRO A 400 -26.66 -16.65 -7.40
C PRO A 400 -26.15 -18.01 -7.90
N GLY A 401 -25.95 -18.96 -6.99
CA GLY A 401 -25.40 -20.28 -7.28
C GLY A 401 -24.71 -20.92 -6.08
N THR A 402 -24.33 -22.18 -6.21
CA THR A 402 -23.59 -22.93 -5.19
C THR A 402 -22.17 -23.19 -5.64
N TYR A 403 -21.20 -22.95 -4.76
CA TYR A 403 -19.78 -22.90 -5.05
C TYR A 403 -18.97 -23.45 -3.88
N THR A 404 -17.72 -23.82 -4.12
CA THR A 404 -16.73 -23.91 -3.04
C THR A 404 -16.38 -22.49 -2.55
N ASP A 405 -16.45 -22.22 -1.24
CA ASP A 405 -15.75 -21.06 -0.68
C ASP A 405 -14.25 -21.31 -0.80
N ALA A 406 -13.59 -20.45 -1.55
CA ALA A 406 -12.18 -20.58 -1.84
C ALA A 406 -11.34 -20.59 -0.56
N VAL A 407 -11.79 -19.92 0.51
CA VAL A 407 -10.98 -19.76 1.70
C VAL A 407 -10.94 -21.05 2.53
N SER A 408 -12.09 -21.63 2.87
CA SER A 408 -12.18 -22.84 3.71
C SER A 408 -12.22 -24.15 2.92
N GLY A 409 -12.63 -24.10 1.64
CA GLY A 409 -12.97 -25.31 0.88
C GLY A 409 -14.34 -25.90 1.23
N ASN A 410 -15.09 -25.32 2.17
CA ASN A 410 -16.48 -25.68 2.43
C ASN A 410 -17.38 -25.25 1.26
N THR A 411 -18.55 -25.88 1.13
CA THR A 411 -19.57 -25.41 0.17
C THR A 411 -20.29 -24.17 0.69
N PHE A 412 -20.52 -23.21 -0.18
CA PHE A 412 -21.24 -21.96 0.06
C PHE A 412 -22.28 -21.74 -1.04
N THR A 413 -23.35 -21.01 -0.72
CA THR A 413 -24.39 -20.67 -1.69
C THR A 413 -24.71 -19.19 -1.66
N ILE A 414 -24.75 -18.60 -2.85
CA ILE A 414 -25.15 -17.23 -3.13
C ILE A 414 -26.59 -17.25 -3.64
N THR A 415 -27.40 -16.32 -3.17
CA THR A 415 -28.76 -16.06 -3.65
C THR A 415 -28.90 -14.56 -3.89
N SER A 416 -29.94 -14.12 -4.59
CA SER A 416 -30.12 -12.70 -4.90
C SER A 416 -30.30 -11.83 -3.64
N SER A 417 -30.79 -12.40 -2.53
CA SER A 417 -30.95 -11.69 -1.25
C SER A 417 -29.83 -11.97 -0.25
N THR A 418 -29.29 -13.19 -0.16
CA THR A 418 -28.30 -13.58 0.86
C THR A 418 -27.25 -14.59 0.39
N ILE A 419 -26.14 -14.69 1.13
CA ILE A 419 -25.08 -15.69 0.94
C ILE A 419 -24.89 -16.48 2.24
N SER A 420 -24.58 -17.78 2.16
CA SER A 420 -24.42 -18.63 3.34
C SER A 420 -23.39 -19.76 3.19
N GLY A 421 -22.86 -20.21 4.32
CA GLY A 421 -21.82 -21.25 4.45
C GLY A 421 -20.90 -21.02 5.66
N THR A 422 -20.04 -22.00 6.00
CA THR A 422 -19.16 -21.92 7.18
C THR A 422 -17.78 -21.35 6.87
N ILE A 423 -17.50 -20.17 7.41
CA ILE A 423 -16.23 -19.45 7.27
C ILE A 423 -15.11 -20.15 8.06
N GLY A 424 -13.92 -20.25 7.45
CA GLY A 424 -12.71 -20.76 8.09
C GLY A 424 -12.07 -19.77 9.05
N SER A 425 -11.06 -20.22 9.80
CA SER A 425 -10.44 -19.46 10.91
C SER A 425 -9.78 -18.13 10.51
N SER A 426 -9.57 -17.92 9.21
CA SER A 426 -9.35 -16.60 8.63
C SER A 426 -10.37 -15.57 9.09
N GLY A 427 -11.57 -15.99 9.50
CA GLY A 427 -12.74 -15.15 9.67
C GLY A 427 -13.24 -14.54 8.36
N ILE A 428 -12.65 -14.95 7.25
CA ILE A 428 -12.87 -14.41 5.92
C ILE A 428 -13.41 -15.51 5.02
N ALA A 429 -14.43 -15.23 4.21
CA ALA A 429 -14.90 -16.14 3.17
C ALA A 429 -15.00 -15.44 1.81
N VAL A 430 -14.72 -16.16 0.73
CA VAL A 430 -14.64 -15.63 -0.64
C VAL A 430 -15.12 -16.67 -1.67
N VAL A 431 -15.85 -16.26 -2.70
CA VAL A 431 -16.39 -17.18 -3.73
C VAL A 431 -16.10 -16.71 -5.14
N TYR A 432 -15.75 -17.65 -6.03
CA TYR A 432 -15.67 -17.43 -7.48
C TYR A 432 -15.82 -18.74 -8.25
N ASP A 433 -16.00 -18.64 -9.56
CA ASP A 433 -16.07 -19.74 -10.53
C ASP A 433 -14.71 -20.45 -10.74
N ALA A 434 -14.16 -21.05 -9.69
CA ALA A 434 -12.86 -21.72 -9.70
C ALA A 434 -12.77 -22.83 -10.76
#